data_3WSO
#
_entry.id   3WSO
#
_cell.length_a   34.120
_cell.length_b   76.594
_cell.length_c   193.939
_cell.angle_alpha   90.00
_cell.angle_beta   90.00
_cell.angle_gamma   90.00
#
_symmetry.space_group_name_H-M   'P 21 21 21'
#
loop_
_entity.id
_entity.type
_entity.pdbx_description
1 polymer 'F-box only protein 44'
2 polymer 'S-phase kinase-associated protein 1'
3 water water
#
loop_
_entity_poly.entity_id
_entity_poly.type
_entity_poly.pdbx_seq_one_letter_code
_entity_poly.pdbx_strand_id
1 'polypeptide(L)'
;MAVGNINELPENILLELFTHVPARQLLLNCRLVCSLWRDLIDLVTLWKRKCLREGFITEDWDQPVADWKIFYFLRSLHRN
LLHNPCAEEGFEFWSLDVNGGDEWKVEDLSRDQRKEFPNDQVKKYFVTSYYTCLKSQVVDLKAEGYWEELMDTTRPDIEV
KDWFAARPDCGSKYQLCVQLLSSAHAPLGTFQPDPATIQQKSDAKWREVSHTFSNYPPGVRYIWFQHGGVDTHYWAGWYG
PRVTNSSITIRPPLP
;
A
2 'polypeptide(L)'
;GPHMPSIKLQSSDGEIFEVDVEIAKQSVTIKTMLEDLGMDDEGDDDPVPLPNVNAAILKKVIQWCTHHKDDPPPPEDDEN
KEKRTDDIPVWDQEFLKVDQGTLFELILAANYLDIKGLLDVTCKTVANMIKGKTPEEIRKTFNIKNDFTEEEEAQVRKEN
QWCEEK
;
B
#
# COMPACT_ATOMS: atom_id res chain seq x y z
N ALA A 2 13.27 -32.00 -12.86
CA ALA A 2 11.97 -31.36 -13.19
C ALA A 2 11.17 -31.20 -11.91
N VAL A 3 10.40 -30.13 -11.86
CA VAL A 3 9.46 -29.90 -10.80
C VAL A 3 8.09 -30.18 -11.40
N GLY A 4 7.43 -31.22 -10.92
CA GLY A 4 6.15 -31.66 -11.49
C GLY A 4 4.92 -31.11 -10.82
N ASN A 5 5.10 -30.18 -9.89
CA ASN A 5 3.98 -29.59 -9.18
C ASN A 5 4.42 -28.31 -8.47
N ILE A 6 3.61 -27.26 -8.52
CA ILE A 6 3.98 -26.04 -7.83
C ILE A 6 4.44 -26.27 -6.37
N ASN A 7 3.80 -27.22 -5.68
CA ASN A 7 4.22 -27.53 -4.30
C ASN A 7 5.53 -28.32 -4.11
N GLU A 8 6.25 -28.61 -5.18
CA GLU A 8 7.57 -29.18 -5.07
C GLU A 8 8.64 -28.08 -5.14
N LEU A 9 8.19 -26.85 -5.40
CA LEU A 9 9.05 -25.68 -5.22
C LEU A 9 9.43 -25.51 -3.73
N PRO A 10 10.57 -24.88 -3.45
CA PRO A 10 10.97 -24.55 -2.09
C PRO A 10 10.02 -23.56 -1.46
N GLU A 11 9.77 -23.74 -0.17
CA GLU A 11 8.98 -22.80 0.63
C GLU A 11 9.36 -21.38 0.32
N ASN A 12 10.65 -21.06 0.32
CA ASN A 12 11.06 -19.70 0.06
C ASN A 12 10.47 -19.18 -1.25
N ILE A 13 10.40 -20.01 -2.27
CA ILE A 13 9.84 -19.57 -3.57
C ILE A 13 8.33 -19.42 -3.53
N LEU A 14 7.63 -20.37 -2.91
CA LEU A 14 6.19 -20.22 -2.68
C LEU A 14 5.81 -18.90 -2.00
N LEU A 15 6.57 -18.54 -1.00
CA LEU A 15 6.43 -17.25 -0.34
C LEU A 15 6.59 -16.15 -1.36
N GLU A 16 7.64 -16.27 -2.17
CA GLU A 16 7.93 -15.29 -3.21
C GLU A 16 6.75 -15.15 -4.16
N LEU A 17 6.15 -16.28 -4.53
CA LEU A 17 4.99 -16.22 -5.41
C LEU A 17 3.81 -15.53 -4.75
N PHE A 18 3.60 -15.81 -3.48
CA PHE A 18 2.42 -15.29 -2.82
C PHE A 18 2.49 -13.78 -2.74
N THR A 19 3.69 -13.30 -2.51
CA THR A 19 4.07 -11.90 -2.62
C THR A 19 3.42 -11.11 -3.78
N HIS A 20 3.27 -11.73 -4.93
CA HIS A 20 2.71 -11.11 -6.11
C HIS A 20 1.20 -11.33 -6.30
N VAL A 21 0.57 -12.05 -5.37
CA VAL A 21 -0.89 -12.24 -5.39
C VAL A 21 -1.52 -11.10 -4.57
N PRO A 22 -2.47 -10.38 -5.15
CA PRO A 22 -3.08 -9.37 -4.30
C PRO A 22 -3.55 -9.97 -2.95
N ALA A 23 -3.30 -9.22 -1.88
CA ALA A 23 -3.43 -9.69 -0.55
C ALA A 23 -4.83 -10.16 -0.22
N ARG A 24 -5.82 -9.39 -0.60
CA ARG A 24 -7.19 -9.78 -0.33
C ARG A 24 -7.45 -11.21 -0.85
N GLN A 25 -7.00 -11.48 -2.05
CA GLN A 25 -7.17 -12.76 -2.69
C GLN A 25 -6.38 -13.91 -2.02
N LEU A 26 -5.15 -13.63 -1.63
CA LEU A 26 -4.38 -14.58 -0.83
C LEU A 26 -5.15 -15.05 0.40
N LEU A 27 -5.75 -14.11 1.09
CA LEU A 27 -6.42 -14.44 2.32
C LEU A 27 -7.71 -15.21 2.06
N LEU A 28 -8.54 -14.69 1.16
CA LEU A 28 -9.84 -15.31 0.93
C LEU A 28 -9.71 -16.59 0.16
N ASN A 29 -8.95 -16.59 -0.93
CA ASN A 29 -8.90 -17.80 -1.73
C ASN A 29 -7.75 -18.73 -1.41
N CYS A 30 -6.57 -18.20 -1.15
CA CYS A 30 -5.40 -19.05 -1.19
C CYS A 30 -5.21 -19.83 0.11
N ARG A 31 -5.57 -19.24 1.25
CA ARG A 31 -5.55 -20.02 2.49
C ARG A 31 -6.40 -21.29 2.45
N LEU A 32 -7.31 -21.37 1.48
CA LEU A 32 -8.23 -22.50 1.32
C LEU A 32 -7.70 -23.57 0.36
N VAL A 33 -6.71 -23.26 -0.45
CA VAL A 33 -6.31 -24.20 -1.50
C VAL A 33 -5.83 -25.51 -0.88
N CYS A 34 -4.97 -25.42 0.14
CA CYS A 34 -4.54 -26.55 0.87
C CYS A 34 -3.85 -26.12 2.15
N SER A 35 -3.41 -27.06 3.00
CA SER A 35 -2.88 -26.71 4.30
C SER A 35 -1.45 -26.20 4.26
N LEU A 36 -0.70 -26.59 3.23
CA LEU A 36 0.62 -26.01 3.03
C LEU A 36 0.41 -24.51 2.82
N TRP A 37 -0.44 -24.17 1.85
CA TRP A 37 -0.63 -22.77 1.50
C TRP A 37 -1.14 -22.00 2.69
N ARG A 38 -2.10 -22.57 3.42
CA ARG A 38 -2.57 -21.92 4.63
C ARG A 38 -1.47 -21.67 5.63
N ASP A 39 -0.60 -22.66 5.84
CA ASP A 39 0.49 -22.48 6.82
C ASP A 39 1.47 -21.42 6.33
N LEU A 40 1.76 -21.43 5.04
CA LEU A 40 2.75 -20.51 4.51
C LEU A 40 2.25 -19.05 4.57
N ILE A 41 0.96 -18.86 4.27
CA ILE A 41 0.35 -17.55 4.23
C ILE A 41 0.17 -16.98 5.64
N ASP A 42 0.08 -17.84 6.66
CA ASP A 42 0.00 -17.38 8.07
C ASP A 42 1.36 -17.05 8.73
N LEU A 43 2.43 -17.23 8.01
CA LEU A 43 3.74 -16.80 8.49
C LEU A 43 3.84 -15.28 8.35
N VAL A 44 4.40 -14.69 9.40
CA VAL A 44 4.87 -13.33 9.49
C VAL A 44 5.75 -12.98 8.29
N THR A 45 6.65 -13.88 7.88
CA THR A 45 7.64 -13.49 6.86
C THR A 45 7.06 -13.14 5.50
N LEU A 46 5.93 -13.71 5.12
CA LEU A 46 5.38 -13.37 3.82
C LEU A 46 5.01 -11.89 3.80
N TRP A 47 4.32 -11.45 4.85
CA TRP A 47 3.72 -10.12 4.87
C TRP A 47 4.85 -9.11 5.09
N LYS A 48 5.69 -9.43 6.06
CA LYS A 48 6.92 -8.71 6.39
C LYS A 48 7.68 -8.38 5.12
N ARG A 49 7.64 -9.27 4.13
CA ARG A 49 8.40 -8.94 2.95
C ARG A 49 7.60 -8.47 1.77
N LYS A 50 6.27 -8.53 1.83
CA LYS A 50 5.45 -7.71 0.91
C LYS A 50 5.64 -6.24 1.33
N CYS A 51 5.52 -6.00 2.62
CA CYS A 51 5.76 -4.68 3.16
C CYS A 51 7.10 -4.12 2.66
N LEU A 52 8.14 -4.96 2.65
CA LEU A 52 9.47 -4.52 2.19
C LEU A 52 9.50 -4.24 0.70
N ARG A 53 8.93 -5.12 -0.12
CA ARG A 53 8.89 -4.90 -1.58
C ARG A 53 8.13 -3.63 -1.99
N GLU A 54 7.36 -3.02 -1.07
CA GLU A 54 6.50 -1.86 -1.36
C GLU A 54 6.84 -0.60 -0.55
N GLY A 55 7.94 -0.61 0.19
CA GLY A 55 8.41 0.60 0.87
C GLY A 55 7.78 0.89 2.22
N PHE A 56 6.75 0.13 2.61
CA PHE A 56 6.08 0.43 3.89
C PHE A 56 7.04 0.26 5.06
N ILE A 57 8.13 -0.48 4.88
CA ILE A 57 9.16 -0.64 5.92
C ILE A 57 10.57 -0.88 5.34
N THR A 58 11.57 -0.83 6.23
CA THR A 58 12.96 -1.15 5.84
C THR A 58 13.64 -2.12 6.83
N GLU A 59 14.86 -2.52 6.47
CA GLU A 59 15.69 -3.43 7.25
C GLU A 59 15.77 -3.04 8.73
N ASP A 60 15.74 -1.74 9.01
CA ASP A 60 15.84 -1.25 10.39
C ASP A 60 14.48 -1.22 11.10
N TRP A 61 13.48 -1.95 10.60
CA TRP A 61 12.18 -1.95 11.28
C TRP A 61 12.27 -2.59 12.68
N ASP A 62 11.92 -1.83 13.71
CA ASP A 62 12.17 -2.24 15.08
C ASP A 62 10.98 -1.81 15.93
N GLN A 63 9.81 -2.35 15.65
CA GLN A 63 8.62 -2.11 16.47
C GLN A 63 7.74 -3.34 16.47
N PRO A 64 7.18 -3.70 17.65
CA PRO A 64 6.27 -4.84 17.62
C PRO A 64 5.03 -4.54 16.77
N VAL A 65 4.62 -5.54 16.02
CA VAL A 65 3.45 -5.49 15.19
C VAL A 65 2.66 -6.69 15.62
N ALA A 66 1.48 -6.48 16.17
CA ALA A 66 0.67 -7.59 16.64
C ALA A 66 0.32 -8.47 15.45
N ASP A 67 -0.44 -7.94 14.47
CA ASP A 67 -0.78 -8.68 13.22
C ASP A 67 -0.26 -8.02 11.90
N TRP A 68 0.69 -8.68 11.27
CA TRP A 68 1.27 -8.25 10.00
C TRP A 68 0.30 -8.20 8.81
N LYS A 69 -0.71 -9.06 8.77
CA LYS A 69 -1.73 -8.96 7.69
C LYS A 69 -2.49 -7.65 7.79
N ILE A 70 -2.87 -7.30 9.02
CA ILE A 70 -3.62 -6.09 9.27
C ILE A 70 -2.72 -4.92 8.94
N PHE A 71 -1.57 -4.88 9.61
CA PHE A 71 -0.55 -3.89 9.36
C PHE A 71 -0.37 -3.65 7.88
N TYR A 72 -0.33 -4.73 7.11
CA TYR A 72 -0.03 -4.65 5.69
C TYR A 72 -1.16 -3.90 4.95
N PHE A 73 -2.39 -4.38 5.10
CA PHE A 73 -3.53 -3.73 4.48
C PHE A 73 -3.61 -2.24 4.81
N LEU A 74 -3.44 -1.91 6.08
CA LEU A 74 -3.67 -0.56 6.52
C LEU A 74 -2.63 0.35 5.96
N ARG A 75 -1.38 -0.11 5.93
CA ARG A 75 -0.34 0.65 5.26
C ARG A 75 -0.61 0.72 3.76
N SER A 76 -1.14 -0.34 3.18
CA SER A 76 -1.39 -0.32 1.75
C SER A 76 -2.49 0.68 1.39
N LEU A 77 -3.49 0.85 2.28
CA LEU A 77 -4.59 1.81 2.03
C LEU A 77 -4.29 3.24 2.48
N HIS A 78 -3.19 3.44 3.19
CA HIS A 78 -2.91 4.71 3.87
C HIS A 78 -2.72 5.84 2.90
N ARG A 79 -3.46 6.93 3.11
CA ARG A 79 -3.36 8.19 2.35
C ARG A 79 -4.39 9.16 2.91
N ASN A 80 -4.25 10.42 2.54
CA ASN A 80 -5.20 11.40 2.98
C ASN A 80 -6.57 11.05 2.32
N LEU A 81 -7.60 10.94 3.15
CA LEU A 81 -8.95 10.62 2.66
C LEU A 81 -9.74 11.88 2.39
N LEU A 82 -9.19 13.03 2.75
CA LEU A 82 -9.80 14.30 2.38
C LEU A 82 -9.31 14.74 0.97
N HIS A 83 -10.26 14.97 0.07
CA HIS A 83 -9.94 15.42 -1.26
C HIS A 83 -9.77 16.93 -1.24
N ASN A 84 -8.90 17.43 -2.10
CA ASN A 84 -8.63 18.86 -2.27
C ASN A 84 -8.37 19.62 -0.96
N PRO A 85 -7.44 19.11 -0.13
CA PRO A 85 -7.18 19.60 1.25
C PRO A 85 -6.42 20.90 1.31
N CYS A 86 -5.51 21.07 0.37
CA CYS A 86 -4.91 22.36 0.10
C CYS A 86 -5.70 22.73 -1.09
N ALA A 87 -5.65 23.96 -1.53
CA ALA A 87 -6.79 24.38 -2.32
C ALA A 87 -6.41 24.29 -3.79
N GLU A 88 -5.84 23.17 -4.22
CA GLU A 88 -5.32 23.03 -5.58
C GLU A 88 -6.38 22.99 -6.65
N GLU A 89 -7.61 22.74 -6.26
CA GLU A 89 -8.72 22.75 -7.17
C GLU A 89 -9.91 23.43 -6.60
N GLY A 90 -9.69 24.68 -6.18
CA GLY A 90 -10.78 25.54 -5.70
C GLY A 90 -11.53 24.94 -4.52
N PHE A 91 -12.86 25.09 -4.53
CA PHE A 91 -13.72 24.54 -3.49
C PHE A 91 -14.32 23.19 -3.84
N GLU A 92 -13.73 22.56 -4.84
CA GLU A 92 -14.18 21.22 -5.21
C GLU A 92 -14.02 20.28 -4.02
N PHE A 93 -15.09 19.53 -3.76
CA PHE A 93 -15.16 18.49 -2.75
C PHE A 93 -15.61 18.94 -1.35
N TRP A 94 -15.83 20.25 -1.20
CA TRP A 94 -16.11 20.93 0.08
C TRP A 94 -17.49 21.58 0.04
N SER A 95 -18.30 21.49 1.08
CA SER A 95 -19.54 22.23 1.10
C SER A 95 -19.29 23.47 1.91
N LEU A 96 -19.48 24.61 1.27
CA LEU A 96 -19.49 25.85 1.99
C LEU A 96 -20.80 25.90 2.80
N ASP A 97 -20.76 25.25 3.97
CA ASP A 97 -21.92 25.17 4.88
C ASP A 97 -22.45 26.53 5.26
N VAL A 98 -21.53 27.47 5.42
CA VAL A 98 -21.87 28.86 5.67
C VAL A 98 -20.81 29.64 4.94
N ASN A 99 -21.27 30.65 4.23
CA ASN A 99 -20.44 31.35 3.31
C ASN A 99 -20.86 32.78 3.38
N GLY A 100 -20.60 33.39 4.53
CA GLY A 100 -20.98 34.76 4.80
C GLY A 100 -20.05 35.81 4.21
N GLY A 101 -20.50 37.05 4.27
CA GLY A 101 -19.70 38.16 3.89
C GLY A 101 -19.37 38.16 2.41
N ASP A 102 -18.10 38.35 2.15
CA ASP A 102 -17.56 38.43 0.84
C ASP A 102 -17.06 37.05 0.44
N GLU A 103 -17.33 36.08 1.31
CA GLU A 103 -17.21 34.66 1.05
C GLU A 103 -15.80 34.08 1.16
N TRP A 104 -15.76 32.75 1.27
CA TRP A 104 -14.56 31.96 1.17
C TRP A 104 -13.73 32.32 -0.04
N LYS A 105 -12.43 32.52 0.15
CA LYS A 105 -11.50 32.70 -0.98
C LYS A 105 -10.44 31.61 -0.97
N VAL A 106 -9.74 31.46 -2.09
CA VAL A 106 -8.55 30.66 -2.22
C VAL A 106 -7.38 31.56 -2.57
N GLU A 107 -6.26 31.42 -1.88
CA GLU A 107 -5.12 32.21 -2.26
C GLU A 107 -3.76 31.59 -2.01
N ASP A 108 -2.75 32.17 -2.66
CA ASP A 108 -1.42 31.58 -2.71
C ASP A 108 -0.66 31.83 -1.47
N LEU A 109 0.06 30.83 -1.00
CA LEU A 109 1.02 31.08 0.09
C LEU A 109 2.28 31.75 -0.46
N SER A 110 2.81 32.70 0.29
CA SER A 110 4.22 33.11 0.22
C SER A 110 5.19 31.95 0.16
N ARG A 111 6.28 32.15 -0.56
CA ARG A 111 7.40 31.21 -0.55
C ARG A 111 8.00 31.07 0.89
N ASP A 112 7.97 32.17 1.65
CA ASP A 112 8.36 32.10 3.08
C ASP A 112 7.40 31.24 3.89
N GLN A 113 6.09 31.38 3.69
CA GLN A 113 5.13 30.60 4.48
C GLN A 113 5.08 29.12 4.07
N ARG A 114 5.44 28.84 2.82
CA ARG A 114 5.57 27.44 2.38
C ARG A 114 6.49 26.57 3.23
N LYS A 115 7.51 27.18 3.85
CA LYS A 115 8.46 26.46 4.71
C LYS A 115 7.83 26.01 6.02
N GLU A 116 6.82 26.76 6.47
CA GLU A 116 6.17 26.47 7.77
C GLU A 116 5.51 25.11 7.84
N PHE A 117 5.33 24.47 6.68
CA PHE A 117 4.78 23.14 6.55
C PHE A 117 5.96 22.22 6.41
N PRO A 118 5.98 21.12 7.18
CA PRO A 118 7.03 20.13 6.95
C PRO A 118 6.68 19.26 5.74
N ASN A 119 6.03 19.87 4.74
CA ASN A 119 5.96 19.41 3.35
C ASN A 119 6.31 20.58 2.45
N ASP A 120 7.00 20.32 1.34
CA ASP A 120 7.25 21.36 0.32
C ASP A 120 6.00 21.66 -0.55
N GLN A 121 4.93 20.87 -0.36
CA GLN A 121 3.82 20.75 -1.33
C GLN A 121 2.48 21.33 -0.85
N VAL A 122 2.53 22.40 -0.05
CA VAL A 122 1.36 23.17 0.32
C VAL A 122 1.59 24.52 -0.31
N LYS A 123 0.91 24.82 -1.42
CA LYS A 123 1.15 26.12 -2.06
C LYS A 123 -0.03 27.07 -1.97
N LYS A 124 -1.14 26.65 -1.37
CA LYS A 124 -2.30 27.52 -1.24
C LYS A 124 -3.09 27.33 0.03
N TYR A 125 -3.94 28.30 0.34
CA TYR A 125 -4.90 28.12 1.43
C TYR A 125 -6.27 28.65 1.15
N PHE A 126 -7.19 28.26 2.01
CA PHE A 126 -8.54 28.79 2.02
C PHE A 126 -8.51 29.79 3.12
N VAL A 127 -9.29 30.87 2.95
CA VAL A 127 -9.41 31.95 3.93
C VAL A 127 -10.86 32.38 3.98
N THR A 128 -11.33 32.75 5.18
CA THR A 128 -12.73 33.12 5.46
C THR A 128 -12.88 34.61 5.35
N SER A 129 -14.11 35.06 5.13
CA SER A 129 -14.41 36.47 5.06
C SER A 129 -14.54 37.11 6.49
N TYR A 130 -15.28 38.23 6.58
CA TYR A 130 -15.45 39.02 7.83
C TYR A 130 -16.65 38.57 8.66
N TYR A 131 -17.56 37.82 8.05
CA TYR A 131 -18.64 37.10 8.77
C TYR A 131 -18.36 35.62 8.72
N THR A 132 -19.12 34.84 9.48
CA THR A 132 -18.71 33.44 9.67
C THR A 132 -18.74 32.65 8.35
N CYS A 133 -17.76 31.77 8.20
CA CYS A 133 -17.59 30.95 7.01
C CYS A 133 -17.16 29.59 7.48
N LEU A 134 -17.84 28.56 7.01
CA LEU A 134 -17.56 27.22 7.40
C LEU A 134 -17.63 26.28 6.19
N LYS A 135 -16.74 25.29 6.15
CA LYS A 135 -16.85 24.26 5.13
C LYS A 135 -16.59 22.89 5.68
N SER A 136 -16.93 21.91 4.85
CA SER A 136 -17.23 20.55 5.21
C SER A 136 -16.85 19.62 4.13
N GLN A 137 -16.51 18.42 4.54
CA GLN A 137 -16.37 17.34 3.63
C GLN A 137 -16.64 16.08 4.46
N VAL A 138 -17.32 15.14 3.85
CA VAL A 138 -17.63 13.89 4.48
C VAL A 138 -16.83 12.82 3.74
N VAL A 139 -16.16 11.98 4.51
CA VAL A 139 -15.43 10.83 4.05
C VAL A 139 -16.28 9.57 4.16
N ASP A 140 -16.30 8.82 3.07
CA ASP A 140 -17.05 7.58 2.90
C ASP A 140 -16.05 6.43 2.96
N LEU A 141 -16.05 5.73 4.08
CA LEU A 141 -14.97 4.81 4.38
C LEU A 141 -14.95 3.65 3.41
N LYS A 142 -16.11 3.02 3.22
CA LYS A 142 -16.27 1.94 2.26
C LYS A 142 -15.67 2.35 0.92
N ALA A 143 -16.11 3.50 0.43
CA ALA A 143 -15.74 3.99 -0.88
C ALA A 143 -14.30 4.33 -1.00
N GLU A 144 -13.60 4.47 0.15
CA GLU A 144 -12.16 4.75 0.11
C GLU A 144 -11.32 3.51 0.37
N GLY A 145 -11.99 2.36 0.52
CA GLY A 145 -11.31 1.09 0.61
C GLY A 145 -11.38 0.41 1.96
N TYR A 146 -12.00 1.08 2.92
CA TYR A 146 -12.15 0.57 4.27
C TYR A 146 -13.55 -0.05 4.38
N TRP A 147 -13.59 -1.32 4.04
CA TRP A 147 -14.77 -2.16 4.18
C TRP A 147 -15.11 -2.31 5.66
N GLU A 148 -16.31 -2.82 5.87
CA GLU A 148 -17.04 -2.64 7.09
C GLU A 148 -16.44 -3.45 8.21
N GLU A 149 -16.09 -4.69 7.89
CA GLU A 149 -15.69 -5.59 8.93
C GLU A 149 -14.28 -5.23 9.38
N LEU A 150 -13.51 -4.61 8.49
CA LEU A 150 -12.22 -4.05 8.87
C LEU A 150 -12.44 -2.97 9.92
N MET A 151 -13.31 -2.01 9.63
CA MET A 151 -13.61 -0.98 10.64
C MET A 151 -14.07 -1.60 11.96
N ASP A 152 -15.11 -2.46 11.89
CA ASP A 152 -15.69 -3.10 13.09
C ASP A 152 -14.74 -4.05 13.82
N THR A 153 -14.09 -4.94 13.09
CA THR A 153 -13.20 -5.93 13.72
C THR A 153 -11.95 -5.25 14.33
N THR A 154 -11.17 -4.58 13.49
CA THR A 154 -9.91 -3.99 13.88
C THR A 154 -9.91 -2.60 14.56
N ARG A 155 -10.96 -1.80 14.33
CA ARG A 155 -11.04 -0.44 14.88
C ARG A 155 -9.74 0.30 14.78
N PRO A 156 -9.26 0.51 13.54
CA PRO A 156 -7.94 1.11 13.33
C PRO A 156 -7.99 2.59 13.71
N ASP A 157 -6.87 3.15 14.18
CA ASP A 157 -6.83 4.56 14.62
C ASP A 157 -7.16 5.50 13.49
N ILE A 158 -7.83 6.60 13.80
CA ILE A 158 -8.26 7.60 12.82
C ILE A 158 -7.67 8.93 13.23
N GLU A 159 -6.75 9.44 12.41
CA GLU A 159 -5.92 10.59 12.76
C GLU A 159 -6.37 11.76 11.93
N VAL A 160 -6.70 12.87 12.57
CA VAL A 160 -7.13 14.04 11.84
C VAL A 160 -6.19 15.20 12.11
N LYS A 161 -5.83 15.92 11.07
CA LYS A 161 -5.03 17.10 11.23
C LYS A 161 -5.62 18.26 10.45
N ASP A 162 -5.23 19.46 10.83
CA ASP A 162 -5.60 20.64 10.12
C ASP A 162 -4.68 21.76 10.55
N TRP A 163 -4.41 22.67 9.61
CA TRP A 163 -3.57 23.82 9.86
C TRP A 163 -4.39 25.07 9.61
N PHE A 164 -4.19 26.06 10.45
CA PHE A 164 -4.73 27.37 10.29
C PHE A 164 -3.78 28.48 10.80
N ALA A 165 -4.12 29.70 10.46
CA ALA A 165 -3.40 30.86 10.94
C ALA A 165 -4.44 31.91 11.22
N ALA A 166 -4.41 32.42 12.44
CA ALA A 166 -5.28 33.52 12.80
C ALA A 166 -4.53 34.43 13.75
N ARG A 167 -4.76 35.73 13.59
CA ARG A 167 -4.27 36.70 14.57
C ARG A 167 -5.03 36.49 15.89
N PRO A 168 -4.42 36.87 17.05
CA PRO A 168 -5.10 36.76 18.37
C PRO A 168 -6.30 37.69 18.44
N ASP A 169 -6.28 38.64 17.53
CA ASP A 169 -7.12 39.81 17.46
C ASP A 169 -8.22 39.57 16.38
N CYS A 170 -8.18 38.40 15.73
CA CYS A 170 -8.94 38.13 14.51
C CYS A 170 -10.45 38.22 14.77
N GLY A 171 -11.18 38.74 13.79
CA GLY A 171 -12.61 39.08 13.92
C GLY A 171 -13.53 37.88 13.92
N SER A 172 -12.97 36.73 13.57
CA SER A 172 -13.66 35.48 13.53
C SER A 172 -12.71 34.39 14.09
N LYS A 173 -13.23 33.48 14.92
CA LYS A 173 -12.39 32.52 15.62
C LYS A 173 -12.39 31.21 14.88
N TYR A 174 -11.22 30.58 14.82
CA TYR A 174 -11.08 29.28 14.21
C TYR A 174 -11.88 28.18 14.95
N GLN A 175 -12.49 27.31 14.15
CA GLN A 175 -13.39 26.33 14.68
C GLN A 175 -13.21 25.07 13.90
N LEU A 176 -13.37 23.96 14.60
CA LEU A 176 -13.08 22.65 14.03
C LEU A 176 -13.92 21.62 14.75
N CYS A 177 -14.67 20.86 13.96
CA CYS A 177 -15.46 19.79 14.47
C CYS A 177 -15.31 18.63 13.53
N VAL A 178 -15.11 17.44 14.10
CA VAL A 178 -14.95 16.19 13.38
C VAL A 178 -15.75 15.10 14.08
N GLN A 179 -16.68 14.47 13.38
CA GLN A 179 -17.50 13.45 13.99
C GLN A 179 -17.40 12.17 13.26
N LEU A 180 -17.29 11.07 13.99
CA LEU A 180 -17.48 9.73 13.41
C LEU A 180 -18.99 9.44 13.27
N LEU A 181 -19.39 8.86 12.15
CA LEU A 181 -20.82 8.67 11.85
C LEU A 181 -21.15 7.24 11.49
N SER A 182 -22.37 6.81 11.85
CA SER A 182 -22.89 5.45 11.58
C SER A 182 -23.45 5.37 10.18
N SER A 183 -23.91 4.18 9.78
CA SER A 183 -24.50 4.00 8.44
C SER A 183 -25.71 4.93 8.24
N ALA A 184 -26.36 5.30 9.35
CA ALA A 184 -27.49 6.25 9.36
C ALA A 184 -27.10 7.73 9.39
N HIS A 185 -25.78 7.98 9.40
CA HIS A 185 -25.20 9.30 9.65
C HIS A 185 -25.48 9.77 11.07
N ALA A 186 -25.56 8.85 12.01
CA ALA A 186 -25.68 9.22 13.42
C ALA A 186 -24.29 9.26 14.08
N PRO A 187 -23.98 10.33 14.84
CA PRO A 187 -22.68 10.48 15.50
C PRO A 187 -22.29 9.36 16.48
N LEU A 188 -21.02 8.97 16.42
CA LEU A 188 -20.44 7.90 17.22
C LEU A 188 -19.12 8.37 17.89
N GLY A 189 -19.05 9.67 18.18
CA GLY A 189 -17.86 10.32 18.75
C GLY A 189 -17.59 11.63 18.02
N THR A 190 -17.43 12.72 18.77
CA THR A 190 -17.17 14.03 18.22
C THR A 190 -15.87 14.63 18.76
N PHE A 191 -15.19 15.40 17.94
CA PHE A 191 -14.04 16.14 18.42
C PHE A 191 -14.13 17.58 17.97
N GLN A 192 -14.00 18.47 18.96
CA GLN A 192 -13.69 19.85 18.75
C GLN A 192 -12.57 20.19 19.68
N PRO A 193 -11.55 20.88 19.18
CA PRO A 193 -10.49 21.28 20.10
C PRO A 193 -11.04 22.29 21.09
N ASP A 194 -10.55 22.18 22.33
CA ASP A 194 -10.80 23.20 23.38
C ASP A 194 -10.54 24.62 22.83
N PRO A 195 -11.51 25.55 22.98
CA PRO A 195 -11.33 26.89 22.35
C PRO A 195 -10.18 27.70 22.93
N ALA A 196 -9.87 27.46 24.20
CA ALA A 196 -8.72 28.07 24.87
C ALA A 196 -7.42 27.78 24.11
N THR A 197 -7.19 26.53 23.76
CA THR A 197 -5.92 26.15 23.14
C THR A 197 -5.91 26.53 21.63
N ILE A 198 -7.09 26.83 21.08
CA ILE A 198 -7.20 27.44 19.75
C ILE A 198 -6.76 28.92 19.77
N GLN A 199 -7.30 29.70 20.71
CA GLN A 199 -6.86 31.09 20.95
C GLN A 199 -5.34 31.14 21.25
N GLN A 200 -4.84 30.15 21.98
CA GLN A 200 -3.41 30.05 22.23
C GLN A 200 -2.65 29.86 20.92
N LYS A 201 -3.23 29.15 19.95
CA LYS A 201 -2.56 28.92 18.65
C LYS A 201 -2.76 30.05 17.67
N SER A 202 -3.64 30.97 18.01
CA SER A 202 -3.87 32.11 17.18
C SER A 202 -2.86 33.21 17.48
N ASP A 203 -1.59 32.94 17.11
CA ASP A 203 -0.62 34.00 16.76
C ASP A 203 -0.77 34.07 15.25
N ALA A 204 -0.01 34.85 14.52
CA ALA A 204 -0.35 34.94 13.09
C ALA A 204 0.31 33.87 12.25
N LYS A 205 0.74 32.77 12.88
CA LYS A 205 1.47 31.73 12.18
C LYS A 205 0.67 30.45 11.95
N TRP A 206 1.15 29.67 11.01
CA TRP A 206 0.52 28.43 10.70
C TRP A 206 0.69 27.46 11.87
N ARG A 207 -0.42 27.02 12.45
CA ARG A 207 -0.44 25.97 13.48
C ARG A 207 -1.26 24.72 13.14
N GLU A 208 -0.74 23.56 13.50
CA GLU A 208 -1.44 22.34 13.36
C GLU A 208 -2.40 22.12 14.50
N VAL A 209 -3.49 21.41 14.22
CA VAL A 209 -4.27 20.84 15.30
C VAL A 209 -4.60 19.43 14.91
N SER A 210 -4.65 18.57 15.92
CA SER A 210 -4.45 17.16 15.70
C SER A 210 -5.21 16.30 16.68
N HIS A 211 -5.70 15.14 16.26
CA HIS A 211 -6.46 14.29 17.14
C HIS A 211 -6.55 12.91 16.57
N THR A 212 -6.59 11.93 17.45
CA THR A 212 -6.71 10.56 17.01
C THR A 212 -7.85 9.96 17.76
N PHE A 213 -8.82 9.41 17.02
CA PHE A 213 -9.90 8.61 17.62
C PHE A 213 -9.44 7.14 17.77
N SER A 214 -9.46 6.61 18.98
CA SER A 214 -9.22 5.17 19.19
C SER A 214 -10.35 4.57 19.99
N ASN A 215 -10.54 3.27 19.79
CA ASN A 215 -11.54 2.48 20.48
C ASN A 215 -12.95 2.95 20.25
N TYR A 216 -13.16 3.62 19.13
CA TYR A 216 -14.50 4.05 18.76
C TYR A 216 -15.40 2.80 18.60
N PRO A 217 -16.70 3.00 18.56
CA PRO A 217 -17.53 1.80 18.56
C PRO A 217 -17.59 1.10 17.20
N PRO A 218 -18.26 -0.06 17.14
CA PRO A 218 -18.50 -0.61 15.81
C PRO A 218 -19.57 0.23 15.12
N GLY A 219 -19.64 0.17 13.79
CA GLY A 219 -20.62 0.95 13.03
C GLY A 219 -20.11 2.17 12.25
N VAL A 220 -18.85 2.55 12.44
CA VAL A 220 -18.35 3.80 11.83
C VAL A 220 -18.27 3.64 10.32
N ARG A 221 -19.07 4.39 9.57
CA ARG A 221 -19.00 4.32 8.11
C ARG A 221 -18.55 5.63 7.51
N TYR A 222 -18.76 6.75 8.19
CA TYR A 222 -18.34 8.06 7.65
C TYR A 222 -17.68 8.91 8.71
N ILE A 223 -16.91 9.87 8.24
CA ILE A 223 -16.34 10.91 9.09
C ILE A 223 -16.73 12.26 8.49
N TRP A 224 -17.28 13.17 9.30
CA TRP A 224 -17.66 14.50 8.87
C TRP A 224 -16.64 15.47 9.47
N PHE A 225 -16.11 16.36 8.65
CA PHE A 225 -15.04 17.27 9.02
C PHE A 225 -15.47 18.66 8.58
N GLN A 226 -15.47 19.63 9.48
CA GLN A 226 -15.95 20.98 9.18
C GLN A 226 -15.10 21.97 9.89
N HIS A 227 -14.80 23.08 9.22
CA HIS A 227 -13.95 24.10 9.82
C HIS A 227 -14.15 25.45 9.17
N GLY A 228 -13.58 26.48 9.80
CA GLY A 228 -13.75 27.86 9.34
C GLY A 228 -13.65 28.82 10.48
N GLY A 229 -14.35 29.93 10.41
CA GLY A 229 -14.27 30.98 11.44
C GLY A 229 -15.66 31.37 11.88
N VAL A 230 -15.91 31.47 13.18
CA VAL A 230 -17.21 32.02 13.55
C VAL A 230 -17.02 33.44 14.05
N ASP A 231 -17.78 34.35 13.47
CA ASP A 231 -17.76 35.77 13.81
C ASP A 231 -17.86 36.06 15.32
N THR A 232 -16.85 36.78 15.82
CA THR A 232 -16.87 37.36 17.16
C THR A 232 -17.78 38.62 17.32
N HIS A 233 -18.05 39.30 16.20
CA HIS A 233 -18.89 40.52 16.15
C HIS A 233 -18.12 41.80 16.44
N TYR A 234 -16.80 41.72 16.49
CA TYR A 234 -16.01 42.92 16.45
C TYR A 234 -15.20 42.87 15.14
N TRP A 235 -15.33 43.91 14.34
CA TRP A 235 -14.59 44.03 13.10
C TRP A 235 -13.10 44.09 13.39
N ALA A 236 -12.31 43.34 12.63
CA ALA A 236 -10.85 43.40 12.72
C ALA A 236 -10.20 43.14 11.40
N GLY A 237 -10.86 43.51 10.32
CA GLY A 237 -10.36 43.22 8.99
C GLY A 237 -11.30 42.46 8.09
N TRP A 238 -10.80 42.19 6.91
CA TRP A 238 -11.56 41.71 5.80
C TRP A 238 -11.64 40.18 5.78
N TYR A 239 -10.73 39.54 6.51
CA TYR A 239 -10.68 38.10 6.52
C TYR A 239 -10.44 37.48 7.88
N GLY A 240 -10.82 36.24 8.04
CA GLY A 240 -10.59 35.59 9.30
C GLY A 240 -9.57 34.52 9.11
N PRO A 241 -9.75 33.39 9.83
CA PRO A 241 -8.79 32.33 9.84
C PRO A 241 -8.53 31.91 8.43
N ARG A 242 -7.29 31.52 8.18
CA ARG A 242 -6.88 30.83 6.98
C ARG A 242 -6.61 29.40 7.37
N VAL A 243 -6.97 28.45 6.51
CA VAL A 243 -6.83 27.03 6.79
C VAL A 243 -6.34 26.30 5.54
N THR A 244 -5.56 25.25 5.73
CA THR A 244 -5.10 24.44 4.62
C THR A 244 -4.57 23.12 5.15
N ASN A 245 -4.16 22.25 4.23
CA ASN A 245 -3.44 21.04 4.55
C ASN A 245 -4.17 20.16 5.57
N SER A 246 -5.47 20.10 5.42
CA SER A 246 -6.33 19.30 6.25
C SER A 246 -6.04 17.87 5.91
N SER A 247 -6.21 16.93 6.86
CA SER A 247 -6.07 15.53 6.48
C SER A 247 -6.80 14.58 7.42
N ILE A 248 -7.15 13.42 6.92
CA ILE A 248 -7.69 12.37 7.74
C ILE A 248 -6.99 11.13 7.25
N THR A 249 -6.41 10.34 8.14
CA THR A 249 -5.83 9.05 7.75
C THR A 249 -6.18 7.95 8.77
N ILE A 250 -6.02 6.71 8.35
CA ILE A 250 -6.21 5.57 9.19
C ILE A 250 -4.90 4.78 9.26
N ARG A 251 -4.37 4.70 10.48
CA ARG A 251 -3.06 4.17 10.78
C ARG A 251 -3.15 2.82 11.50
N PRO A 252 -2.15 1.96 11.31
CA PRO A 252 -2.10 0.73 12.11
C PRO A 252 -2.18 1.08 13.60
N PRO A 253 -3.19 0.53 14.31
CA PRO A 253 -3.38 0.81 15.74
C PRO A 253 -2.39 0.06 16.64
N MET B 4 33.61 -12.49 -26.01
CA MET B 4 34.45 -11.34 -26.43
C MET B 4 34.85 -10.38 -25.28
N PRO B 5 35.37 -10.90 -24.13
CA PRO B 5 35.68 -12.29 -23.73
C PRO B 5 34.49 -13.08 -23.14
N SER B 6 34.65 -14.41 -23.09
CA SER B 6 33.53 -15.32 -22.88
C SER B 6 33.85 -16.43 -21.87
N ILE B 7 32.88 -16.78 -21.06
CA ILE B 7 33.09 -17.84 -20.09
C ILE B 7 32.25 -19.06 -20.45
N LYS B 8 32.73 -20.22 -20.03
CA LYS B 8 32.12 -21.48 -20.39
C LYS B 8 31.26 -21.98 -19.23
N LEU B 9 30.10 -22.52 -19.55
CA LEU B 9 29.10 -22.92 -18.54
C LEU B 9 28.63 -24.33 -18.86
N GLN B 10 28.75 -25.24 -17.91
CA GLN B 10 28.31 -26.58 -18.16
C GLN B 10 26.95 -26.84 -17.53
N SER B 11 26.02 -27.35 -18.31
CA SER B 11 24.70 -27.65 -17.81
C SER B 11 24.72 -28.98 -17.04
N SER B 12 23.59 -29.30 -16.42
CA SER B 12 23.51 -30.48 -15.57
C SER B 12 23.69 -31.79 -16.37
N ASP B 13 23.38 -31.74 -17.67
CA ASP B 13 23.38 -32.92 -18.51
C ASP B 13 24.46 -32.86 -19.60
N GLY B 14 25.65 -32.39 -19.23
CA GLY B 14 26.81 -32.46 -20.12
C GLY B 14 27.09 -31.25 -20.99
N GLU B 15 26.06 -30.75 -21.69
CA GLU B 15 26.23 -29.67 -22.69
C GLU B 15 26.92 -28.42 -22.15
N ILE B 16 27.95 -27.98 -22.84
CA ILE B 16 28.72 -26.81 -22.46
C ILE B 16 28.18 -25.65 -23.28
N PHE B 17 28.32 -24.44 -22.76
CA PHE B 17 27.80 -23.22 -23.35
C PHE B 17 28.81 -22.12 -23.09
N GLU B 18 28.94 -21.19 -24.03
CA GLU B 18 29.75 -20.02 -23.79
C GLU B 18 28.92 -18.80 -24.06
N VAL B 19 29.29 -17.73 -23.38
CA VAL B 19 28.42 -16.58 -23.23
C VAL B 19 29.28 -15.37 -23.02
N ASP B 20 28.84 -14.22 -23.53
CA ASP B 20 29.53 -12.99 -23.24
C ASP B 20 29.68 -12.94 -21.72
N VAL B 21 30.88 -12.69 -21.23
CA VAL B 21 31.10 -12.66 -19.79
C VAL B 21 30.18 -11.67 -19.05
N GLU B 22 29.86 -10.53 -19.67
CA GLU B 22 29.10 -9.48 -18.98
C GLU B 22 27.56 -9.67 -19.08
N ILE B 23 27.12 -10.45 -20.07
CA ILE B 23 25.72 -10.91 -20.15
C ILE B 23 25.46 -12.00 -19.13
N ALA B 24 26.42 -12.89 -18.96
CA ALA B 24 26.31 -13.98 -18.01
C ALA B 24 26.76 -13.53 -16.65
N LYS B 25 26.54 -12.27 -16.33
CA LYS B 25 26.82 -11.77 -14.99
C LYS B 25 25.60 -11.07 -14.45
N GLN B 26 24.50 -11.15 -15.21
CA GLN B 26 23.19 -10.87 -14.67
C GLN B 26 22.89 -11.88 -13.56
N SER B 27 23.56 -13.04 -13.61
CA SER B 27 23.59 -13.97 -12.48
C SER B 27 24.59 -13.52 -11.45
N VAL B 28 24.11 -13.24 -10.23
CA VAL B 28 24.97 -12.85 -9.10
C VAL B 28 25.74 -14.05 -8.53
N THR B 29 25.31 -15.25 -8.89
CA THR B 29 26.00 -16.46 -8.42
C THR B 29 27.34 -16.59 -9.16
N ILE B 30 27.29 -16.55 -10.49
CA ILE B 30 28.50 -16.73 -11.29
C ILE B 30 29.39 -15.50 -11.18
N LYS B 31 28.79 -14.31 -11.25
CA LYS B 31 29.49 -13.09 -10.92
C LYS B 31 30.44 -13.33 -9.75
N THR B 32 29.94 -13.89 -8.65
CA THR B 32 30.76 -14.13 -7.48
C THR B 32 31.86 -15.18 -7.73
N MET B 33 31.54 -16.25 -8.47
CA MET B 33 32.50 -17.33 -8.75
C MET B 33 33.71 -16.83 -9.51
N LEU B 34 33.48 -15.87 -10.40
CA LEU B 34 34.57 -15.14 -11.04
C LEU B 34 35.09 -14.12 -10.04
N GLU B 35 35.90 -14.58 -9.08
CA GLU B 35 36.44 -13.79 -7.95
C GLU B 35 36.75 -14.71 -6.78
N ASP B 45 40.24 -21.90 -15.05
CA ASP B 45 40.38 -21.93 -16.50
C ASP B 45 39.77 -23.23 -17.04
N ASP B 46 38.53 -23.50 -16.63
CA ASP B 46 37.81 -24.75 -16.88
C ASP B 46 36.46 -24.46 -17.60
N PRO B 47 35.40 -25.28 -17.35
CA PRO B 47 34.00 -24.83 -17.45
C PRO B 47 33.20 -24.90 -16.11
N VAL B 48 32.59 -23.78 -15.70
CA VAL B 48 31.76 -23.76 -14.48
C VAL B 48 30.54 -24.66 -14.65
N PRO B 49 30.27 -25.56 -13.68
CA PRO B 49 29.15 -26.50 -13.75
C PRO B 49 27.89 -26.10 -12.98
N LEU B 50 26.72 -26.50 -13.50
CA LEU B 50 25.43 -26.11 -12.94
C LEU B 50 24.47 -27.30 -12.69
N PRO B 51 24.63 -28.00 -11.55
CA PRO B 51 23.83 -29.15 -11.12
C PRO B 51 22.33 -29.02 -11.34
N ASN B 52 21.78 -27.86 -11.03
CA ASN B 52 20.34 -27.73 -11.00
C ASN B 52 19.73 -27.27 -12.32
N VAL B 53 20.57 -26.78 -13.24
CA VAL B 53 20.06 -26.34 -14.52
C VAL B 53 20.48 -27.22 -15.69
N ASN B 54 19.50 -27.70 -16.42
CA ASN B 54 19.73 -28.49 -17.61
C ASN B 54 19.73 -27.65 -18.91
N ALA B 55 20.04 -28.29 -20.02
CA ALA B 55 20.29 -27.61 -21.28
C ALA B 55 19.09 -26.77 -21.72
N ALA B 56 17.93 -27.42 -21.82
CA ALA B 56 16.70 -26.74 -22.22
C ALA B 56 16.49 -25.44 -21.43
N ILE B 57 16.80 -25.49 -20.13
CA ILE B 57 16.52 -24.40 -19.19
C ILE B 57 17.64 -23.40 -19.22
N LEU B 58 18.89 -23.86 -19.32
CA LEU B 58 20.02 -22.93 -19.41
C LEU B 58 19.98 -22.09 -20.68
N LYS B 59 19.51 -22.67 -21.79
CA LYS B 59 19.44 -21.95 -23.08
C LYS B 59 18.45 -20.79 -23.00
N LYS B 60 17.31 -21.03 -22.38
CA LYS B 60 16.32 -19.96 -22.21
C LYS B 60 16.85 -18.89 -21.24
N VAL B 61 17.54 -19.30 -20.18
CA VAL B 61 18.14 -18.30 -19.29
C VAL B 61 19.12 -17.36 -20.00
N ILE B 62 20.16 -17.88 -20.69
CA ILE B 62 21.07 -16.95 -21.41
C ILE B 62 20.24 -16.11 -22.41
N GLN B 63 19.31 -16.72 -23.11
CA GLN B 63 18.43 -16.00 -24.01
C GLN B 63 17.79 -14.81 -23.25
N TRP B 64 16.95 -15.08 -22.26
CA TRP B 64 16.30 -14.01 -21.47
C TRP B 64 17.30 -12.91 -21.05
N CYS B 65 18.51 -13.31 -20.71
CA CYS B 65 19.51 -12.36 -20.28
C CYS B 65 20.11 -11.54 -21.42
N THR B 66 20.24 -12.11 -22.62
CA THR B 66 20.84 -11.38 -23.75
C THR B 66 19.91 -10.28 -24.20
N HIS B 67 18.64 -10.63 -24.36
CA HIS B 67 17.58 -9.66 -24.62
C HIS B 67 17.54 -8.53 -23.58
N HIS B 68 17.84 -8.84 -22.31
CA HIS B 68 17.81 -7.88 -21.23
C HIS B 68 19.20 -7.29 -20.90
N LYS B 69 20.24 -7.55 -21.71
CA LYS B 69 21.59 -7.00 -21.33
C LYS B 69 21.63 -5.48 -21.39
N ASP B 70 21.03 -4.91 -22.43
CA ASP B 70 20.83 -3.47 -22.54
C ASP B 70 19.46 -3.20 -21.93
N ASP B 71 19.44 -2.50 -20.80
CA ASP B 71 18.22 -2.24 -20.03
C ASP B 71 18.64 -1.36 -18.85
N PRO B 72 17.87 -0.29 -18.52
CA PRO B 72 18.21 0.56 -17.37
C PRO B 72 18.59 -0.22 -16.09
N ASP B 87 2.06 -4.85 -16.22
CA ASP B 87 3.41 -4.29 -16.36
C ASP B 87 4.56 -5.30 -16.69
N ILE B 88 4.22 -6.56 -17.03
CA ILE B 88 5.22 -7.52 -17.55
C ILE B 88 5.40 -7.23 -19.03
N PRO B 89 6.58 -6.72 -19.44
CA PRO B 89 6.79 -6.41 -20.86
C PRO B 89 6.22 -7.45 -21.82
N VAL B 90 5.70 -6.98 -22.94
CA VAL B 90 5.09 -7.86 -23.92
C VAL B 90 5.98 -9.06 -24.16
N TRP B 91 7.24 -8.80 -24.50
CA TRP B 91 8.21 -9.84 -24.83
C TRP B 91 8.33 -10.94 -23.76
N ASP B 92 8.58 -10.50 -22.52
CA ASP B 92 8.63 -11.42 -21.41
C ASP B 92 7.39 -12.33 -21.38
N GLN B 93 6.21 -11.78 -21.69
CA GLN B 93 4.96 -12.60 -21.69
C GLN B 93 4.93 -13.71 -22.77
N GLU B 94 5.45 -13.43 -23.97
CA GLU B 94 5.42 -14.43 -25.06
C GLU B 94 6.47 -15.50 -24.81
N PHE B 95 7.65 -15.03 -24.45
CA PHE B 95 8.76 -15.90 -24.03
C PHE B 95 8.35 -16.94 -22.98
N LEU B 96 7.43 -16.54 -22.10
CA LEU B 96 6.99 -17.31 -20.97
C LEU B 96 5.66 -18.03 -21.20
N LYS B 97 5.29 -18.28 -22.46
CA LYS B 97 4.03 -18.98 -22.82
C LYS B 97 4.23 -20.51 -22.85
N VAL B 98 5.04 -20.99 -21.91
CA VAL B 98 5.45 -22.38 -21.78
C VAL B 98 4.56 -23.14 -20.76
N ASP B 99 4.74 -24.45 -20.67
CA ASP B 99 4.02 -25.26 -19.68
C ASP B 99 4.48 -24.98 -18.22
N GLN B 100 3.60 -25.27 -17.27
CA GLN B 100 3.87 -25.05 -15.85
C GLN B 100 5.25 -25.56 -15.40
N GLY B 101 5.58 -26.78 -15.82
CA GLY B 101 6.80 -27.47 -15.41
C GLY B 101 8.08 -26.76 -15.79
N THR B 102 8.10 -26.12 -16.96
CA THR B 102 9.35 -25.47 -17.37
C THR B 102 9.40 -24.07 -16.74
N LEU B 103 8.23 -23.46 -16.57
CA LEU B 103 8.16 -22.31 -15.68
C LEU B 103 8.80 -22.63 -14.33
N PHE B 104 8.32 -23.68 -13.69
CA PHE B 104 8.85 -23.98 -12.38
C PHE B 104 10.36 -24.07 -12.45
N GLU B 105 10.91 -24.77 -13.43
CA GLU B 105 12.37 -24.93 -13.51
C GLU B 105 13.05 -23.61 -13.84
N LEU B 106 12.34 -22.75 -14.56
CA LEU B 106 12.84 -21.39 -14.83
C LEU B 106 13.03 -20.57 -13.56
N ILE B 107 11.98 -20.57 -12.74
CA ILE B 107 12.03 -19.97 -11.41
C ILE B 107 13.23 -20.50 -10.66
N LEU B 108 13.43 -21.82 -10.69
CA LEU B 108 14.50 -22.42 -9.89
C LEU B 108 15.91 -22.01 -10.31
N ALA B 109 16.15 -21.99 -11.61
CA ALA B 109 17.43 -21.55 -12.13
C ALA B 109 17.66 -20.11 -11.77
N ALA B 110 16.62 -19.31 -11.97
CA ALA B 110 16.69 -17.91 -11.62
C ALA B 110 17.04 -17.75 -10.15
N ASN B 111 16.51 -18.64 -9.33
CA ASN B 111 16.70 -18.56 -7.92
C ASN B 111 18.08 -19.01 -7.54
N TYR B 112 18.52 -20.08 -8.17
CA TYR B 112 19.84 -20.68 -7.93
C TYR B 112 20.95 -19.79 -8.51
N LEU B 113 20.71 -19.24 -9.70
CA LEU B 113 21.68 -18.35 -10.32
C LEU B 113 21.61 -16.95 -9.80
N ASP B 114 20.49 -16.64 -9.12
CA ASP B 114 20.24 -15.34 -8.51
C ASP B 114 20.18 -14.23 -9.57
N ILE B 115 19.19 -14.33 -10.45
CA ILE B 115 18.87 -13.34 -11.44
C ILE B 115 17.50 -12.70 -11.11
N LYS B 116 17.52 -11.66 -10.27
CA LYS B 116 16.33 -10.97 -9.79
C LYS B 116 15.30 -10.69 -10.86
N GLY B 117 15.74 -10.13 -11.98
CA GLY B 117 14.82 -9.73 -13.03
C GLY B 117 13.93 -10.87 -13.49
N LEU B 118 14.54 -12.03 -13.65
CA LEU B 118 13.88 -13.23 -14.17
C LEU B 118 13.06 -13.89 -13.07
N LEU B 119 13.60 -13.87 -11.85
CA LEU B 119 12.86 -14.39 -10.74
C LEU B 119 11.55 -13.64 -10.72
N ASP B 120 11.60 -12.32 -10.92
CA ASP B 120 10.40 -11.51 -10.78
C ASP B 120 9.33 -11.77 -11.84
N VAL B 121 9.67 -11.76 -13.12
CA VAL B 121 8.61 -12.00 -14.12
C VAL B 121 8.04 -13.42 -14.08
N THR B 122 8.87 -14.39 -13.72
CA THR B 122 8.40 -15.78 -13.69
C THR B 122 7.47 -15.92 -12.52
N CYS B 123 7.94 -15.53 -11.35
CA CYS B 123 7.09 -15.50 -10.21
C CYS B 123 5.77 -14.71 -10.46
N LYS B 124 5.83 -13.58 -11.13
CA LYS B 124 4.60 -12.83 -11.41
C LYS B 124 3.71 -13.64 -12.31
N THR B 125 4.30 -14.25 -13.33
CA THR B 125 3.52 -14.93 -14.35
C THR B 125 2.77 -16.05 -13.70
N VAL B 126 3.42 -16.74 -12.77
CA VAL B 126 2.73 -17.77 -12.03
C VAL B 126 1.68 -17.14 -11.10
N ALA B 127 2.00 -15.97 -10.55
CA ALA B 127 1.05 -15.35 -9.64
C ALA B 127 -0.20 -14.91 -10.39
N ASN B 128 -0.03 -14.56 -11.66
CA ASN B 128 -1.19 -14.18 -12.50
C ASN B 128 -2.13 -15.31 -12.84
N MET B 129 -1.65 -16.54 -12.73
CA MET B 129 -2.50 -17.70 -12.87
C MET B 129 -3.31 -18.00 -11.58
N ILE B 130 -2.96 -17.38 -10.45
CA ILE B 130 -3.72 -17.54 -9.21
C ILE B 130 -4.84 -16.48 -9.07
N LYS B 131 -4.61 -15.31 -9.67
CA LYS B 131 -5.59 -14.21 -9.70
C LYS B 131 -6.94 -14.62 -10.24
N GLY B 132 -7.99 -14.19 -9.56
CA GLY B 132 -9.37 -14.31 -10.06
C GLY B 132 -10.07 -15.63 -9.85
N LYS B 133 -9.44 -16.55 -9.12
CA LYS B 133 -9.92 -17.91 -9.01
C LYS B 133 -10.35 -18.34 -7.61
N THR B 134 -11.31 -19.26 -7.56
CA THR B 134 -11.72 -19.87 -6.30
C THR B 134 -10.71 -20.92 -5.85
N PRO B 135 -10.76 -21.31 -4.58
CA PRO B 135 -9.88 -22.37 -4.14
C PRO B 135 -9.94 -23.58 -5.04
N GLU B 136 -11.12 -24.09 -5.35
CA GLU B 136 -11.21 -25.24 -6.23
C GLU B 136 -10.58 -24.90 -7.58
N GLU B 137 -10.82 -23.70 -8.09
CA GLU B 137 -10.24 -23.36 -9.41
C GLU B 137 -8.71 -23.31 -9.41
N ILE B 138 -8.11 -22.93 -8.27
CA ILE B 138 -6.67 -22.90 -8.13
C ILE B 138 -6.15 -24.31 -8.11
N ARG B 139 -6.74 -25.13 -7.25
CA ARG B 139 -6.34 -26.52 -7.13
C ARG B 139 -6.30 -27.21 -8.46
N LYS B 140 -7.29 -26.89 -9.31
CA LYS B 140 -7.42 -27.52 -10.62
C LYS B 140 -6.34 -27.07 -11.60
N THR B 141 -6.07 -25.77 -11.65
CA THR B 141 -4.98 -25.23 -12.48
C THR B 141 -3.64 -25.89 -12.19
N PHE B 142 -3.39 -26.22 -10.91
CA PHE B 142 -2.08 -26.77 -10.48
C PHE B 142 -2.15 -28.22 -10.02
N ASN B 143 -3.33 -28.81 -10.08
CA ASN B 143 -3.49 -30.18 -9.66
C ASN B 143 -2.91 -30.30 -8.25
N ILE B 144 -3.59 -29.62 -7.34
CA ILE B 144 -3.32 -29.72 -5.91
C ILE B 144 -4.54 -30.42 -5.24
N LYS B 145 -4.26 -31.41 -4.39
CA LYS B 145 -5.29 -32.12 -3.65
C LYS B 145 -5.68 -31.33 -2.44
N ASN B 146 -6.98 -31.21 -2.22
CA ASN B 146 -7.46 -30.68 -0.98
C ASN B 146 -7.03 -31.57 0.22
N ASP B 147 -5.97 -31.12 0.89
CA ASP B 147 -5.54 -31.57 2.21
C ASP B 147 -6.60 -31.55 3.31
N PHE B 148 -7.55 -30.62 3.17
CA PHE B 148 -8.38 -30.18 4.29
C PHE B 148 -9.58 -31.07 4.64
N THR B 149 -9.84 -31.20 5.92
CA THR B 149 -11.17 -31.62 6.40
C THR B 149 -12.13 -30.44 6.24
N GLU B 150 -13.42 -30.75 6.19
CA GLU B 150 -14.44 -29.71 6.10
C GLU B 150 -14.50 -28.80 7.35
N GLU B 151 -14.16 -29.33 8.53
CA GLU B 151 -14.09 -28.52 9.76
C GLU B 151 -12.85 -27.62 9.79
N GLU B 152 -11.77 -28.05 9.14
CA GLU B 152 -10.60 -27.19 8.98
C GLU B 152 -10.90 -26.07 7.98
N GLU B 153 -11.64 -26.38 6.91
CA GLU B 153 -12.07 -25.34 5.96
C GLU B 153 -12.92 -24.31 6.67
N ALA B 154 -13.89 -24.78 7.45
CA ALA B 154 -14.81 -23.86 8.14
C ALA B 154 -14.05 -22.98 9.11
N GLN B 155 -13.01 -23.52 9.76
CA GLN B 155 -12.15 -22.76 10.68
C GLN B 155 -11.35 -21.65 9.96
N VAL B 156 -11.00 -21.89 8.70
CA VAL B 156 -10.24 -20.95 7.90
C VAL B 156 -11.14 -19.78 7.45
N ARG B 157 -12.39 -20.07 7.11
CA ARG B 157 -13.35 -19.00 6.79
C ARG B 157 -13.61 -18.11 7.96
N LYS B 158 -13.70 -18.70 9.15
CA LYS B 158 -13.84 -17.94 10.41
C LYS B 158 -12.67 -16.94 10.59
N GLU B 159 -11.45 -17.42 10.45
CA GLU B 159 -10.27 -16.56 10.57
C GLU B 159 -10.25 -15.47 9.46
N ASN B 160 -11.00 -15.69 8.38
CA ASN B 160 -11.09 -14.75 7.27
C ASN B 160 -12.30 -13.81 7.34
N GLN B 161 -12.97 -13.80 8.49
CA GLN B 161 -14.16 -12.97 8.71
C GLN B 161 -13.86 -11.49 8.54
N TRP B 162 -12.79 -11.04 9.19
CA TRP B 162 -12.39 -9.64 9.21
C TRP B 162 -12.14 -9.08 7.83
N CYS B 163 -11.96 -9.97 6.88
CA CYS B 163 -11.48 -9.63 5.58
C CYS B 163 -12.51 -9.78 4.48
N GLU B 164 -13.70 -10.31 4.81
CA GLU B 164 -14.78 -10.46 3.83
C GLU B 164 -15.66 -9.18 3.80
N GLU B 165 -16.45 -9.03 2.72
CA GLU B 165 -17.71 -8.27 2.74
C GLU B 165 -18.93 -9.19 2.95
#